data_4JME
#
_entry.id   4JME
#
_cell.length_a   109.900
_cell.length_b   109.900
_cell.length_c   87.600
_cell.angle_alpha   90.00
_cell.angle_beta   90.00
_cell.angle_gamma   120.00
#
_symmetry.space_group_name_H-M   'P 31 2 1'
#
loop_
_entity.id
_entity.type
_entity.pdbx_description
1 polymer 'Putative uncharacterized protein mppR'
2 non-polymer (4R)-4-(2-carboxyethyl)imidazolidin-2-iminium
3 water water
#
_entity_poly.entity_id   1
_entity_poly.type   'polypeptide(L)'
_entity_poly.pdbx_seq_one_letter_code
;MVRQHAGPRDRSEIVTTSTGTNGRHTVAGPGSAGPVGYSLPLSPTGESAMLTPPPWHFSGEVVMVDYRVDPDAARRFLPP
GLEPGADPGAAAAVFATWQWCSQDGAELTDPGRCQFGEFLILLSCEFEGRPMARCPYAWVDQAVPMMRGWVQGMPKQFGV
IHQSRPVTVGKAGSRLAPGGRFDGALSVHGRRVVEASVTVDRSTDQPPALHDVPLAHTLVFPEWVPSGGGPRPRLVASEV
SDVEFSPIWTGSGDLTFFDGLGDDFGALAPLEVGSGHVFSYGETLHGGRLLSDYSVSERHQP
;
_entity_poly.pdbx_strand_id   A,B
#
# COMPACT_ATOMS: atom_id res chain seq x y z
N GLY A 34 23.91 -33.30 5.49
CA GLY A 34 22.79 -32.84 6.29
C GLY A 34 21.99 -31.76 5.56
N PRO A 35 20.98 -31.22 6.24
CA PRO A 35 20.16 -30.18 5.60
C PRO A 35 20.95 -28.89 5.37
N VAL A 36 20.53 -28.16 4.35
CA VAL A 36 21.25 -26.99 3.88
C VAL A 36 20.33 -25.78 3.71
N GLY A 37 20.92 -24.64 3.37
CA GLY A 37 20.14 -23.44 3.12
C GLY A 37 20.99 -22.20 3.28
N TYR A 38 20.59 -21.16 2.56
CA TYR A 38 21.24 -19.85 2.69
C TYR A 38 21.04 -19.34 4.11
N SER A 39 19.88 -19.65 4.68
CA SER A 39 19.54 -19.24 6.04
C SER A 39 18.68 -20.32 6.68
N LEU A 40 18.39 -20.18 7.96
CA LEU A 40 17.39 -21.02 8.63
C LEU A 40 16.03 -20.82 7.98
N PRO A 41 15.13 -21.83 8.09
CA PRO A 41 15.39 -23.21 8.53
C PRO A 41 16.16 -23.98 7.47
N LEU A 42 17.09 -24.81 7.89
CA LEU A 42 17.79 -25.71 6.98
C LEU A 42 16.82 -26.78 6.50
N SER A 43 17.05 -27.30 5.31
CA SER A 43 16.17 -28.34 4.79
C SER A 43 16.94 -29.16 3.78
N PRO A 44 16.43 -30.36 3.47
CA PRO A 44 17.21 -31.23 2.58
C PRO A 44 17.56 -30.62 1.23
N THR A 45 16.66 -29.86 0.61
CA THR A 45 16.98 -29.26 -0.69
C THR A 45 17.43 -27.80 -0.62
N GLY A 46 17.32 -27.19 0.55
CA GLY A 46 17.61 -25.78 0.71
C GLY A 46 16.44 -24.85 0.38
N GLU A 47 15.27 -25.40 0.04
CA GLU A 47 14.17 -24.56 -0.42
C GLU A 47 13.44 -23.86 0.72
N SER A 48 13.54 -24.42 1.93
CA SER A 48 12.80 -23.88 3.08
C SER A 48 13.36 -22.59 3.67
N ALA A 49 14.60 -22.27 3.34
CA ALA A 49 15.28 -21.08 3.90
C ALA A 49 14.41 -19.84 3.84
N MET A 50 14.35 -19.09 4.95
CA MET A 50 13.57 -17.87 4.99
C MET A 50 14.07 -16.82 3.99
N LEU A 51 15.39 -16.76 3.83
CA LEU A 51 16.04 -15.78 2.97
C LEU A 51 16.67 -16.45 1.77
N THR A 52 16.69 -15.74 0.65
CA THR A 52 17.36 -16.17 -0.55
C THR A 52 18.70 -15.47 -0.66
N PRO A 53 19.66 -16.10 -1.34
CA PRO A 53 20.95 -15.45 -1.56
C PRO A 53 20.79 -14.15 -2.34
N PRO A 54 21.65 -13.16 -2.06
CA PRO A 54 21.67 -11.98 -2.94
C PRO A 54 22.18 -12.39 -4.33
N PRO A 55 22.02 -11.53 -5.34
CA PRO A 55 21.54 -10.15 -5.30
C PRO A 55 20.01 -10.05 -5.20
N TRP A 56 19.58 -8.94 -4.62
CA TRP A 56 18.17 -8.63 -4.54
C TRP A 56 17.97 -7.28 -5.19
N HIS A 57 16.89 -7.19 -5.96
CA HIS A 57 16.50 -5.95 -6.58
C HIS A 57 15.41 -5.27 -5.78
N PHE A 58 15.47 -3.94 -5.73
CA PHE A 58 14.48 -3.11 -5.04
C PHE A 58 13.96 -2.01 -5.96
N SER A 59 12.65 -1.81 -5.92
CA SER A 59 12.01 -0.65 -6.55
C SER A 59 11.04 -0.02 -5.56
N GLY A 60 11.21 1.25 -5.25
CA GLY A 60 10.47 1.86 -4.17
C GLY A 60 10.02 3.28 -4.46
N GLU A 61 9.08 3.74 -3.61
CA GLU A 61 8.55 5.10 -3.65
C GLU A 61 8.93 5.74 -2.30
N VAL A 62 9.57 6.90 -2.34
CA VAL A 62 10.17 7.51 -1.15
C VAL A 62 9.57 8.86 -0.84
N VAL A 63 9.38 9.12 0.46
CA VAL A 63 9.03 10.43 1.01
C VAL A 63 10.04 10.74 2.11
N MET A 64 10.89 11.74 1.88
CA MET A 64 12.09 11.95 2.68
C MET A 64 12.17 13.39 3.13
N VAL A 65 12.62 13.60 4.36
CA VAL A 65 12.83 14.96 4.84
C VAL A 65 14.25 15.11 5.39
N ASP A 66 14.95 16.11 4.87
CA ASP A 66 16.27 16.48 5.36
C ASP A 66 16.11 17.29 6.63
N TYR A 67 16.96 17.05 7.62
CA TYR A 67 16.90 17.85 8.84
C TYR A 67 18.25 18.02 9.52
N ARG A 68 18.27 18.92 10.51
CA ARG A 68 19.44 19.17 11.32
C ARG A 68 19.32 18.48 12.67
N VAL A 69 20.37 17.70 12.98
CA VAL A 69 20.49 16.98 14.24
C VAL A 69 21.63 17.55 15.07
N ASP A 70 21.53 17.39 16.39
CA ASP A 70 22.63 17.80 17.27
C ASP A 70 23.88 16.99 16.91
N PRO A 71 24.96 17.64 16.46
CA PRO A 71 26.11 16.88 15.94
C PRO A 71 26.76 16.01 17.01
N ASP A 72 26.72 16.48 18.25
CA ASP A 72 27.25 15.76 19.38
C ASP A 72 26.40 14.48 19.63
N ALA A 73 25.09 14.57 19.45
CA ALA A 73 24.26 13.37 19.57
C ALA A 73 24.54 12.37 18.48
N ALA A 74 24.64 12.85 17.25
CA ALA A 74 24.98 12.01 16.11
C ALA A 74 26.33 11.28 16.27
N ARG A 75 27.35 12.00 16.73
CA ARG A 75 28.67 11.43 16.95
C ARG A 75 28.62 10.17 17.83
N ARG A 76 27.76 10.20 18.85
CA ARG A 76 27.65 9.10 19.81
C ARG A 76 27.05 7.83 19.23
N PHE A 77 26.42 7.94 18.05
CA PHE A 77 25.89 6.77 17.34
C PHE A 77 26.87 6.21 16.29
N LEU A 78 28.04 6.85 16.14
CA LEU A 78 29.02 6.42 15.13
C LEU A 78 30.04 5.50 15.82
N PRO A 79 30.14 4.26 15.32
CA PRO A 79 31.13 3.32 15.87
C PRO A 79 32.54 3.68 15.43
N PRO A 80 33.52 3.03 16.03
CA PRO A 80 34.90 3.36 15.65
C PRO A 80 35.12 3.20 14.14
N GLY A 81 35.84 4.14 13.54
CA GLY A 81 36.11 4.08 12.12
C GLY A 81 35.20 5.00 11.34
N LEU A 82 33.97 5.21 11.84
CA LEU A 82 33.05 6.18 11.25
C LEU A 82 33.16 7.53 11.94
N GLU A 83 33.52 8.54 11.16
CA GLU A 83 33.79 9.87 11.66
C GLU A 83 32.70 10.83 11.22
N PRO A 84 32.57 11.95 11.93
CA PRO A 84 31.55 12.96 11.61
C PRO A 84 31.61 13.45 10.17
N GLY A 85 30.43 13.68 9.60
CA GLY A 85 30.32 14.17 8.23
C GLY A 85 31.04 15.50 8.00
N ALA A 86 31.39 15.80 6.74
CA ALA A 86 31.86 17.13 6.39
C ALA A 86 30.83 18.13 6.90
N ASP A 87 29.57 17.70 6.95
CA ASP A 87 28.50 18.43 7.61
C ASP A 87 27.87 17.55 8.71
N PRO A 88 28.46 17.61 9.89
CA PRO A 88 28.13 16.71 11.01
C PRO A 88 26.66 16.77 11.41
N GLY A 89 26.00 17.89 11.18
CA GLY A 89 24.60 18.02 11.59
C GLY A 89 23.57 17.55 10.57
N ALA A 90 24.00 17.09 9.40
CA ALA A 90 23.05 16.71 8.36
C ALA A 90 22.48 15.32 8.64
N ALA A 91 21.14 15.24 8.65
CA ALA A 91 20.41 14.00 8.87
C ALA A 91 19.21 13.93 7.93
N ALA A 92 18.52 12.79 7.92
CA ALA A 92 17.32 12.66 7.13
C ALA A 92 16.40 11.63 7.75
N ALA A 93 15.12 11.87 7.57
CA ALA A 93 14.08 10.91 7.92
C ALA A 93 13.50 10.38 6.62
N VAL A 94 13.47 9.06 6.46
CA VAL A 94 13.14 8.48 5.17
C VAL A 94 12.03 7.41 5.28
N PHE A 95 10.88 7.73 4.70
CA PHE A 95 9.78 6.76 4.53
C PHE A 95 9.86 6.16 3.15
N ALA A 96 9.68 4.84 3.04
CA ALA A 96 9.62 4.24 1.72
C ALA A 96 8.68 3.04 1.68
N THR A 97 8.12 2.80 0.51
CA THR A 97 7.40 1.56 0.24
C THR A 97 8.13 0.85 -0.90
N TRP A 98 8.45 -0.43 -0.69
CA TRP A 98 9.29 -1.20 -1.59
C TRP A 98 8.58 -2.39 -2.18
N GLN A 99 8.96 -2.73 -3.42
CA GLN A 99 8.88 -4.09 -3.92
C GLN A 99 10.30 -4.61 -4.05
N TRP A 100 10.53 -5.89 -3.76
CA TRP A 100 11.84 -6.48 -3.94
C TRP A 100 11.68 -7.85 -4.56
N CYS A 101 12.77 -8.35 -5.14
CA CYS A 101 12.79 -9.73 -5.57
C CYS A 101 14.23 -10.23 -5.70
N SER A 102 14.37 -11.55 -5.79
CA SER A 102 15.64 -12.17 -6.08
C SER A 102 15.93 -12.10 -7.59
N GLN A 103 17.08 -12.63 -7.98
CA GLN A 103 17.51 -12.56 -9.36
C GLN A 103 16.51 -13.19 -10.30
N ASP A 104 15.81 -14.22 -9.86
CA ASP A 104 14.85 -14.91 -10.73
C ASP A 104 13.49 -14.24 -10.83
N GLY A 105 13.25 -13.22 -9.99
CA GLY A 105 12.02 -12.46 -10.03
C GLY A 105 10.79 -13.17 -9.47
N ALA A 106 11.00 -14.32 -8.84
CA ALA A 106 9.88 -15.19 -8.49
C ALA A 106 8.92 -14.54 -7.49
N GLU A 107 9.46 -13.75 -6.59
CA GLU A 107 8.64 -13.17 -5.52
C GLU A 107 7.60 -12.18 -6.08
N LEU A 108 7.87 -11.63 -7.25
CA LEU A 108 7.03 -10.56 -7.82
C LEU A 108 5.59 -10.99 -8.07
N THR A 109 5.38 -12.27 -8.31
CA THR A 109 4.04 -12.77 -8.60
C THR A 109 3.17 -12.96 -7.34
N ASP A 110 3.76 -12.75 -6.16
CA ASP A 110 3.03 -12.81 -4.88
C ASP A 110 3.21 -11.48 -4.17
N PRO A 111 2.32 -10.52 -4.46
CA PRO A 111 2.51 -9.17 -3.90
C PRO A 111 2.63 -9.16 -2.39
N GLY A 112 1.95 -10.09 -1.73
CA GLY A 112 2.04 -10.18 -0.28
C GLY A 112 3.41 -10.59 0.23
N ARG A 113 4.21 -11.23 -0.62
CA ARG A 113 5.55 -11.64 -0.23
C ARG A 113 6.64 -10.66 -0.67
N CYS A 114 6.36 -9.79 -1.63
CA CYS A 114 7.44 -8.94 -2.18
C CYS A 114 7.35 -7.47 -1.83
N GLN A 115 6.42 -7.11 -0.95
CA GLN A 115 6.19 -5.72 -0.60
C GLN A 115 6.48 -5.48 0.88
N PHE A 116 7.05 -4.34 1.20
CA PHE A 116 7.11 -3.88 2.60
C PHE A 116 7.24 -2.37 2.69
N GLY A 117 6.88 -1.83 3.86
CA GLY A 117 7.08 -0.43 4.18
C GLY A 117 8.22 -0.27 5.19
N GLU A 118 8.86 0.91 5.17
CA GLU A 118 10.11 1.12 5.90
C GLU A 118 10.21 2.57 6.35
N PHE A 119 10.76 2.77 7.54
CA PHE A 119 11.18 4.10 7.97
C PHE A 119 12.58 4.03 8.50
N LEU A 120 13.46 4.96 8.06
CA LEU A 120 14.85 4.98 8.45
C LEU A 120 15.26 6.37 8.90
N ILE A 121 16.18 6.44 9.86
CA ILE A 121 16.97 7.65 10.10
C ILE A 121 18.33 7.49 9.45
N LEU A 122 18.80 8.53 8.75
CA LEU A 122 20.16 8.56 8.23
C LEU A 122 20.95 9.71 8.83
N LEU A 123 22.21 9.44 9.17
CA LEU A 123 23.16 10.45 9.63
C LEU A 123 24.34 10.55 8.69
N SER A 124 24.76 11.77 8.43
CA SER A 124 25.95 11.98 7.60
C SER A 124 27.20 11.60 8.38
N CYS A 125 28.13 10.90 7.72
CA CYS A 125 29.41 10.54 8.34
C CYS A 125 30.44 10.36 7.23
N GLU A 126 31.66 9.98 7.58
CA GLU A 126 32.63 9.60 6.58
C GLU A 126 33.46 8.43 7.06
N PHE A 127 33.96 7.65 6.10
CA PHE A 127 34.93 6.61 6.38
C PHE A 127 36.14 6.89 5.53
N GLU A 128 37.28 7.06 6.19
CA GLU A 128 38.53 7.34 5.51
C GLU A 128 38.37 8.43 4.44
N GLY A 129 37.65 9.47 4.83
CA GLY A 129 37.54 10.67 4.01
C GLY A 129 36.43 10.60 2.96
N ARG A 130 35.70 9.48 2.92
CA ARG A 130 34.66 9.30 1.90
C ARG A 130 33.27 9.45 2.51
N PRO A 131 32.42 10.31 1.92
CA PRO A 131 31.09 10.48 2.52
C PRO A 131 30.24 9.21 2.46
N MET A 132 29.54 8.96 3.57
CA MET A 132 28.64 7.81 3.71
C MET A 132 27.51 8.25 4.59
N ALA A 133 26.57 7.34 4.80
CA ALA A 133 25.47 7.55 5.72
C ALA A 133 25.45 6.39 6.70
N ARG A 134 25.17 6.73 7.95
CA ARG A 134 24.92 5.75 8.99
C ARG A 134 23.43 5.72 9.29
N CYS A 135 22.88 4.52 9.36
CA CYS A 135 21.50 4.31 9.75
C CYS A 135 21.44 3.78 11.18
N PRO A 136 21.11 4.65 12.13
CA PRO A 136 21.14 4.20 13.53
C PRO A 136 19.85 3.50 13.92
N TYR A 137 18.78 3.77 13.18
CA TYR A 137 17.47 3.21 13.48
C TYR A 137 16.71 2.98 12.19
N ALA A 138 15.98 1.85 12.15
CA ALA A 138 15.13 1.51 11.02
C ALA A 138 13.99 0.64 11.50
N TRP A 139 12.85 0.78 10.85
CA TRP A 139 11.71 -0.09 11.08
C TRP A 139 11.10 -0.54 9.76
N VAL A 140 10.60 -1.79 9.77
CA VAL A 140 9.87 -2.34 8.65
C VAL A 140 8.63 -3.06 9.16
N ASP A 141 7.73 -3.41 8.24
CA ASP A 141 6.46 -4.03 8.61
C ASP A 141 6.29 -5.47 8.08
N GLN A 142 7.40 -6.08 7.68
CA GLN A 142 7.40 -7.47 7.24
C GLN A 142 8.63 -8.18 7.76
N ALA A 143 8.48 -9.47 8.05
CA ALA A 143 9.55 -10.24 8.74
C ALA A 143 10.76 -10.55 7.88
N VAL A 144 10.55 -10.93 6.62
CA VAL A 144 11.71 -11.24 5.77
C VAL A 144 12.63 -10.03 5.63
N PRO A 145 12.09 -8.86 5.30
CA PRO A 145 12.98 -7.70 5.22
C PRO A 145 13.64 -7.36 6.54
N MET A 146 12.95 -7.59 7.65
CA MET A 146 13.56 -7.34 8.96
C MET A 146 14.80 -8.22 9.17
N MET A 147 14.65 -9.53 8.98
CA MET A 147 15.77 -10.46 9.17
C MET A 147 16.89 -10.15 8.17
N ARG A 148 16.52 -9.87 6.94
CA ARG A 148 17.49 -9.59 5.90
C ARG A 148 18.29 -8.34 6.28
N GLY A 149 17.64 -7.37 6.92
CA GLY A 149 18.34 -6.21 7.41
C GLY A 149 19.46 -6.57 8.37
N TRP A 150 19.17 -7.41 9.36
CA TRP A 150 20.22 -7.82 10.30
C TRP A 150 21.38 -8.55 9.60
N VAL A 151 21.09 -9.28 8.54
CA VAL A 151 22.15 -9.93 7.76
C VAL A 151 23.16 -8.90 7.26
N GLN A 152 22.66 -7.73 6.84
CA GLN A 152 23.47 -6.64 6.28
C GLN A 152 24.03 -5.70 7.34
N GLY A 153 23.58 -5.85 8.57
CA GLY A 153 23.90 -4.92 9.62
C GLY A 153 22.96 -3.73 9.79
N MET A 154 21.85 -3.69 9.02
CA MET A 154 20.88 -2.59 9.12
C MET A 154 19.94 -2.92 10.28
N PRO A 155 19.86 -2.02 11.27
CA PRO A 155 19.21 -2.37 12.55
C PRO A 155 17.69 -2.28 12.56
N LYS A 156 17.08 -3.04 11.67
CA LYS A 156 15.62 -3.04 11.53
C LYS A 156 14.86 -3.68 12.70
N GLN A 157 13.85 -2.95 13.17
CA GLN A 157 12.86 -3.48 14.09
C GLN A 157 11.50 -3.48 13.40
N PHE A 158 10.43 -3.90 14.08
CA PHE A 158 9.13 -4.00 13.49
C PHE A 158 8.31 -2.80 13.91
N GLY A 159 7.54 -2.27 12.97
CA GLY A 159 6.65 -1.17 13.27
C GLY A 159 5.49 -1.09 12.30
N VAL A 160 4.62 -0.11 12.54
CA VAL A 160 3.48 0.17 11.69
C VAL A 160 3.78 1.47 10.97
N ILE A 161 3.81 1.40 9.63
CA ILE A 161 4.35 2.48 8.81
C ILE A 161 3.39 2.82 7.68
N HIS A 162 3.01 4.08 7.63
CA HIS A 162 2.04 4.56 6.63
C HIS A 162 2.62 5.69 5.81
N GLN A 163 2.20 5.78 4.53
CA GLN A 163 2.79 6.72 3.61
C GLN A 163 1.77 7.08 2.52
N SER A 164 1.63 8.37 2.24
CA SER A 164 0.78 8.83 1.15
C SER A 164 1.29 8.37 -0.20
N ARG A 165 0.34 8.15 -1.11
CA ARG A 165 0.65 7.75 -2.49
C ARG A 165 0.13 8.82 -3.43
N PRO A 166 0.90 9.17 -4.45
CA PRO A 166 0.36 10.13 -5.41
C PRO A 166 -0.83 9.51 -6.15
N VAL A 167 -1.74 10.36 -6.60
CA VAL A 167 -2.85 9.93 -7.42
C VAL A 167 -2.79 10.65 -8.76
N THR A 168 -3.46 10.11 -9.76
CA THR A 168 -3.52 10.74 -11.08
C THR A 168 -4.94 10.99 -11.57
N VAL A 169 -5.92 10.50 -10.83
CA VAL A 169 -7.32 10.70 -11.15
C VAL A 169 -8.08 11.00 -9.86
N GLY A 170 -9.21 11.68 -9.98
CA GLY A 170 -10.04 11.98 -8.81
C GLY A 170 -9.46 13.07 -7.92
N LYS A 171 -10.01 13.17 -6.71
CA LYS A 171 -9.69 14.25 -5.77
C LYS A 171 -9.10 13.79 -4.45
N ALA A 172 -9.02 12.47 -4.23
CA ALA A 172 -8.62 11.96 -2.94
C ALA A 172 -7.13 11.71 -2.86
N GLY A 173 -6.37 12.79 -2.99
CA GLY A 173 -4.93 12.72 -2.88
C GLY A 173 -4.30 13.89 -3.59
N SER A 174 -2.98 13.79 -3.69
CA SER A 174 -2.17 14.80 -4.35
C SER A 174 -1.52 14.22 -5.61
N ARG A 175 -1.37 15.08 -6.60
CA ARG A 175 -0.56 14.76 -7.78
C ARG A 175 0.89 15.06 -7.47
N LEU A 176 1.80 14.39 -8.19
CA LEU A 176 3.20 14.79 -8.24
C LEU A 176 3.37 16.01 -9.12
N ALA A 177 3.17 17.17 -8.51
CA ALA A 177 3.06 18.45 -9.18
C ALA A 177 3.14 19.49 -8.09
N PRO A 178 3.41 20.76 -8.47
CA PRO A 178 3.53 21.81 -7.44
C PRO A 178 2.31 21.88 -6.53
N GLY A 179 2.55 21.97 -5.22
CA GLY A 179 1.50 22.04 -4.23
C GLY A 179 1.05 20.69 -3.71
N GLY A 180 1.60 19.62 -4.29
CA GLY A 180 1.25 18.28 -3.84
C GLY A 180 1.81 17.99 -2.46
N ARG A 181 0.97 17.46 -1.57
CA ARG A 181 1.41 17.12 -0.22
C ARG A 181 1.42 15.61 0.00
N PHE A 182 2.43 15.14 0.72
CA PHE A 182 2.64 13.73 1.00
C PHE A 182 3.09 13.56 2.44
N ASP A 183 2.46 12.62 3.15
CA ASP A 183 2.69 12.42 4.58
C ASP A 183 3.20 11.03 4.88
N GLY A 184 3.89 10.92 6.01
CA GLY A 184 4.41 9.64 6.50
C GLY A 184 4.20 9.53 7.99
N ALA A 185 3.92 8.33 8.51
CA ALA A 185 3.81 8.14 9.95
C ALA A 185 4.37 6.80 10.38
N LEU A 186 4.99 6.78 11.56
CA LEU A 186 5.48 5.55 12.18
C LEU A 186 4.94 5.39 13.58
N SER A 187 4.31 4.23 13.86
CA SER A 187 4.00 3.83 15.24
C SER A 187 4.76 2.55 15.58
N VAL A 188 5.16 2.47 16.83
CA VAL A 188 5.84 1.29 17.38
C VAL A 188 5.18 0.89 18.70
N HIS A 189 4.83 -0.38 18.82
CA HIS A 189 4.14 -0.89 19.98
C HIS A 189 2.96 -0.01 20.36
N GLY A 190 2.26 0.50 19.36
CA GLY A 190 1.00 1.17 19.61
C GLY A 190 1.10 2.62 20.01
N ARG A 191 2.32 3.18 19.86
CA ARG A 191 2.59 4.57 20.21
C ARG A 191 3.14 5.26 19.00
N ARG A 192 2.66 6.48 18.73
CA ARG A 192 3.14 7.21 17.57
C ARG A 192 4.58 7.67 17.89
N VAL A 193 5.46 7.56 16.91
CA VAL A 193 6.90 7.84 17.08
C VAL A 193 7.39 8.98 16.17
N VAL A 194 6.96 8.97 14.91
CA VAL A 194 7.42 9.98 13.94
C VAL A 194 6.28 10.30 12.99
N GLU A 195 6.14 11.59 12.68
CA GLU A 195 5.29 12.05 11.59
C GLU A 195 6.12 13.00 10.71
N ALA A 196 5.97 12.89 9.39
CA ALA A 196 6.67 13.75 8.45
C ALA A 196 5.68 14.17 7.35
N SER A 197 5.99 15.31 6.73
CA SER A 197 5.18 15.82 5.63
C SER A 197 6.07 16.56 4.62
N VAL A 198 5.71 16.48 3.34
CA VAL A 198 6.39 17.24 2.29
C VAL A 198 5.35 17.87 1.39
N THR A 199 5.53 19.14 1.06
CA THR A 199 4.71 19.79 0.03
C THR A 199 5.66 20.20 -1.07
N VAL A 200 5.53 19.58 -2.24
CA VAL A 200 6.53 19.77 -3.26
C VAL A 200 6.24 21.02 -4.09
N ASP A 201 7.28 21.62 -4.63
CA ASP A 201 7.06 22.80 -5.47
C ASP A 201 7.78 22.75 -6.80
N ARG A 202 8.68 21.79 -6.99
CA ARG A 202 9.35 21.69 -8.28
C ARG A 202 9.99 20.35 -8.48
N SER A 203 10.33 20.05 -9.72
CA SER A 203 11.04 18.83 -10.06
C SER A 203 12.51 19.18 -10.34
N THR A 204 13.42 18.30 -9.93
CA THR A 204 14.86 18.42 -10.19
C THR A 204 15.50 17.08 -10.55
N ASP A 205 16.75 17.11 -10.98
CA ASP A 205 17.53 15.90 -11.25
C ASP A 205 18.65 15.73 -10.24
N GLN A 206 18.47 16.32 -9.05
CA GLN A 206 19.48 16.27 -7.99
C GLN A 206 19.05 15.31 -6.89
N PRO A 207 19.64 14.11 -6.86
CA PRO A 207 19.26 13.15 -5.81
C PRO A 207 19.60 13.71 -4.42
N PRO A 208 18.72 13.54 -3.44
CA PRO A 208 19.03 13.95 -2.06
C PRO A 208 20.34 13.32 -1.59
N ALA A 209 21.24 14.12 -1.05
CA ALA A 209 22.60 13.67 -0.77
C ALA A 209 22.69 12.39 0.07
N LEU A 210 21.92 12.29 1.15
CA LEU A 210 22.06 11.14 2.05
C LEU A 210 21.46 9.87 1.46
N HIS A 211 20.70 10.01 0.37
CA HIS A 211 20.15 8.85 -0.30
C HIS A 211 21.01 8.47 -1.51
N ASP A 212 22.17 9.09 -1.65
CA ASP A 212 23.07 8.85 -2.79
C ASP A 212 24.54 8.60 -2.38
N VAL A 213 24.71 8.08 -1.17
CA VAL A 213 26.02 7.66 -0.67
C VAL A 213 25.90 6.26 -0.08
N PRO A 214 27.02 5.55 0.05
CA PRO A 214 27.03 4.20 0.65
C PRO A 214 26.58 4.24 2.11
N LEU A 215 25.87 3.19 2.52
CA LEU A 215 25.50 2.99 3.91
C LEU A 215 26.55 2.12 4.62
N ALA A 216 26.98 2.58 5.77
CA ALA A 216 28.00 1.88 6.58
C ALA A 216 27.33 1.32 7.83
N HIS A 217 27.24 -0.02 7.91
CA HIS A 217 26.50 -0.69 8.96
C HIS A 217 27.46 -1.43 9.89
N THR A 218 26.97 -1.81 11.06
CA THR A 218 27.69 -2.68 11.96
C THR A 218 27.06 -4.07 11.93
N LEU A 219 27.81 -5.03 11.41
CA LEU A 219 27.42 -6.43 11.38
C LEU A 219 27.76 -7.08 12.71
N VAL A 220 26.74 -7.34 13.53
CA VAL A 220 26.98 -8.04 14.79
C VAL A 220 25.71 -8.78 15.22
N PHE A 221 25.92 -9.94 15.84
CA PHE A 221 24.80 -10.79 16.25
C PHE A 221 25.13 -11.25 17.66
N PRO A 222 24.13 -11.32 18.55
CA PRO A 222 24.42 -11.61 19.95
C PRO A 222 25.06 -12.98 20.14
N GLU A 223 26.00 -13.07 21.09
CA GLU A 223 26.65 -14.33 21.40
C GLU A 223 25.74 -15.15 22.29
N TRP A 224 25.46 -16.36 21.84
CA TRP A 224 24.58 -17.25 22.54
C TRP A 224 25.41 -18.26 23.36
N VAL A 225 26.54 -18.68 22.82
CA VAL A 225 27.45 -19.52 23.57
C VAL A 225 28.60 -18.65 24.07
N PRO A 226 28.71 -18.50 25.40
CA PRO A 226 29.70 -17.57 25.95
C PRO A 226 31.13 -17.89 25.49
N ARG A 232 32.22 -10.00 18.16
CA ARG A 232 33.18 -9.38 17.25
C ARG A 232 32.49 -8.63 16.10
N PRO A 233 32.20 -7.35 16.31
CA PRO A 233 31.54 -6.59 15.25
C PRO A 233 32.44 -6.31 14.06
N ARG A 234 31.83 -6.10 12.89
CA ARG A 234 32.54 -5.67 11.71
C ARG A 234 31.81 -4.45 11.12
N LEU A 235 32.57 -3.47 10.66
CA LEU A 235 32.01 -2.33 9.95
C LEU A 235 32.00 -2.66 8.47
N VAL A 236 30.82 -2.62 7.87
CA VAL A 236 30.67 -3.02 6.47
C VAL A 236 29.85 -2.00 5.70
N ALA A 237 30.03 -2.02 4.38
CA ALA A 237 29.27 -1.17 3.48
C ALA A 237 28.44 -2.09 2.59
N SER A 238 27.22 -1.67 2.29
CA SER A 238 26.40 -2.41 1.36
C SER A 238 26.82 -2.05 -0.05
N GLU A 239 27.19 -3.08 -0.81
CA GLU A 239 27.54 -2.95 -2.21
C GLU A 239 26.31 -2.97 -3.12
N VAL A 240 26.08 -1.85 -3.82
CA VAL A 240 24.94 -1.72 -4.72
C VAL A 240 25.36 -1.41 -6.16
N SER A 241 24.48 -1.73 -7.11
CA SER A 241 24.65 -1.37 -8.52
C SER A 241 23.32 -0.88 -9.08
N ASP A 242 23.34 -0.34 -10.29
CA ASP A 242 22.12 0.04 -11.00
C ASP A 242 21.21 0.94 -10.18
N VAL A 243 21.83 1.91 -9.50
CA VAL A 243 21.06 2.86 -8.73
C VAL A 243 20.37 3.84 -9.68
N GLU A 244 19.09 4.03 -9.48
CA GLU A 244 18.27 4.83 -10.36
C GLU A 244 17.30 5.69 -9.54
N PHE A 245 17.22 6.97 -9.92
CA PHE A 245 16.24 7.88 -9.36
C PHE A 245 15.30 8.37 -10.44
N SER A 246 14.04 8.56 -10.09
CA SER A 246 13.12 9.31 -10.96
C SER A 246 13.48 10.77 -10.81
N PRO A 247 12.79 11.64 -11.55
CA PRO A 247 12.91 13.06 -11.20
C PRO A 247 12.52 13.26 -9.75
N ILE A 248 13.18 14.20 -9.08
CA ILE A 248 12.99 14.41 -7.66
C ILE A 248 12.04 15.59 -7.45
N TRP A 249 10.89 15.36 -6.84
CA TRP A 249 10.00 16.46 -6.48
C TRP A 249 10.38 16.97 -5.10
N THR A 250 10.74 18.24 -5.02
CA THR A 250 11.28 18.78 -3.78
C THR A 250 10.49 20.00 -3.36
N GLY A 251 10.39 20.23 -2.05
CA GLY A 251 9.62 21.34 -1.53
C GLY A 251 9.87 21.48 -0.03
N SER A 252 8.88 21.95 0.70
CA SER A 252 9.05 22.17 2.13
C SER A 252 9.02 20.83 2.85
N GLY A 253 9.71 20.74 3.98
CA GLY A 253 9.65 19.53 4.78
C GLY A 253 9.20 19.86 6.19
N ASP A 254 8.55 18.89 6.81
CA ASP A 254 8.15 19.01 8.21
C ASP A 254 8.33 17.65 8.88
N LEU A 255 8.78 17.66 10.13
CA LEU A 255 9.12 16.42 10.83
C LEU A 255 8.92 16.60 12.32
N THR A 256 8.25 15.65 12.95
CA THR A 256 8.05 15.67 14.39
C THR A 256 8.34 14.31 15.00
N PHE A 257 9.14 14.29 16.07
CA PHE A 257 9.36 13.06 16.84
C PHE A 257 8.45 13.17 18.06
N PHE A 258 7.89 12.04 18.47
CA PHE A 258 7.10 11.95 19.68
C PHE A 258 7.80 10.96 20.63
N ASP A 259 7.52 11.05 21.92
CA ASP A 259 8.10 10.12 22.90
C ASP A 259 7.55 8.73 22.63
N GLY A 260 8.18 7.71 23.18
CA GLY A 260 7.70 6.37 22.92
C GLY A 260 8.77 5.40 22.46
N LEU A 261 9.99 5.87 22.24
CA LEU A 261 11.13 4.98 21.96
C LEU A 261 12.36 5.10 22.86
N GLY A 262 12.34 6.00 23.83
CA GLY A 262 13.43 6.12 24.76
C GLY A 262 14.31 7.33 24.50
N ASP A 263 15.10 7.70 25.50
CA ASP A 263 15.91 8.91 25.41
C ASP A 263 17.04 8.82 24.38
N ASP A 264 17.56 7.61 24.13
CA ASP A 264 18.62 7.48 23.13
C ASP A 264 18.13 7.93 21.76
N PHE A 265 17.00 7.40 21.33
CA PHE A 265 16.41 7.80 20.07
C PHE A 265 16.03 9.28 20.09
N GLY A 266 15.48 9.77 21.20
CA GLY A 266 15.03 11.14 21.27
C GLY A 266 16.14 12.14 21.04
N ALA A 267 17.36 11.72 21.32
CA ALA A 267 18.53 12.59 21.14
C ALA A 267 18.74 13.00 19.69
N LEU A 268 18.12 12.27 18.77
CA LEU A 268 18.27 12.52 17.34
C LEU A 268 17.10 13.33 16.77
N ALA A 269 16.26 13.86 17.65
CA ALA A 269 15.15 14.69 17.20
C ALA A 269 15.65 15.94 16.48
N PRO A 270 14.88 16.45 15.52
CA PRO A 270 15.38 17.62 14.77
C PRO A 270 15.50 18.89 15.59
N LEU A 271 16.61 19.59 15.36
CA LEU A 271 16.75 20.96 15.83
C LEU A 271 16.06 21.91 14.88
N GLU A 272 16.06 21.52 13.61
CA GLU A 272 15.51 22.34 12.54
C GLU A 272 15.19 21.38 11.41
N VAL A 273 14.20 21.73 10.59
CA VAL A 273 13.78 20.84 9.51
C VAL A 273 13.94 21.55 8.18
N GLY A 274 14.53 20.85 7.22
CA GLY A 274 14.80 21.42 5.92
C GLY A 274 13.85 21.00 4.82
N SER A 275 14.41 20.70 3.66
CA SER A 275 13.63 20.39 2.46
C SER A 275 13.12 18.94 2.51
N GLY A 276 11.98 18.73 1.84
CA GLY A 276 11.45 17.40 1.64
C GLY A 276 11.51 16.98 0.18
N HIS A 277 11.48 15.68 -0.05
CA HIS A 277 11.68 15.13 -1.39
C HIS A 277 10.77 13.93 -1.55
N VAL A 278 10.16 13.81 -2.73
CA VAL A 278 9.29 12.68 -3.08
C VAL A 278 9.81 12.15 -4.41
N PHE A 279 10.17 10.87 -4.47
CA PHE A 279 10.76 10.32 -5.68
C PHE A 279 10.67 8.81 -5.66
N SER A 280 10.96 8.20 -6.81
CA SER A 280 11.06 6.74 -6.90
C SER A 280 12.52 6.37 -6.98
N TYR A 281 12.86 5.17 -6.52
CA TYR A 281 14.27 4.78 -6.36
C TYR A 281 14.41 3.30 -6.65
N GLY A 282 15.46 2.93 -7.36
CA GLY A 282 15.79 1.52 -7.54
C GLY A 282 17.27 1.24 -7.29
N GLU A 283 17.58 0.01 -6.88
CA GLU A 283 18.96 -0.42 -6.73
C GLU A 283 18.97 -1.94 -6.72
N THR A 284 20.16 -2.48 -6.96
CA THR A 284 20.40 -3.91 -6.78
C THR A 284 21.44 -4.02 -5.68
N LEU A 285 21.16 -4.87 -4.71
CA LEU A 285 22.00 -5.02 -3.52
C LEU A 285 22.69 -6.36 -3.59
N HIS A 286 24.03 -6.36 -3.58
CA HIS A 286 24.80 -7.56 -3.94
C HIS A 286 25.40 -8.32 -2.75
N GLY A 287 25.72 -7.61 -1.68
CA GLY A 287 26.52 -8.18 -0.63
C GLY A 287 27.23 -7.11 0.13
N GLY A 288 28.10 -7.50 1.05
CA GLY A 288 28.82 -6.54 1.85
C GLY A 288 30.28 -6.44 1.44
N ARG A 289 30.86 -5.26 1.67
CA ARG A 289 32.29 -5.08 1.56
C ARG A 289 32.83 -4.63 2.92
N LEU A 290 33.91 -5.27 3.36
CA LEU A 290 34.43 -4.98 4.66
C LEU A 290 35.10 -3.62 4.67
N LEU A 291 34.66 -2.75 5.57
CA LEU A 291 35.39 -1.51 5.82
C LEU A 291 36.46 -1.73 6.91
N SER A 292 36.06 -2.37 8.01
CA SER A 292 37.03 -2.77 9.06
C SER A 292 36.54 -3.93 9.90
N ASP A 293 37.44 -4.84 10.25
CA ASP A 293 37.08 -5.87 11.22
C ASP A 293 37.77 -5.62 12.55
N TYR A 294 38.37 -4.44 12.69
CA TYR A 294 38.91 -3.99 13.96
C TYR A 294 40.01 -4.91 14.49
N SER A 295 40.71 -5.58 13.61
CA SER A 295 41.88 -6.33 14.04
C SER A 295 43.12 -5.46 13.84
N PRO B 30 -31.76 21.33 15.57
CA PRO B 30 -32.21 22.44 16.42
C PRO B 30 -32.82 22.01 17.76
N GLY B 31 -33.63 20.97 17.76
CA GLY B 31 -34.22 20.50 19.01
C GLY B 31 -33.32 19.60 19.86
N SER B 32 -32.46 18.84 19.18
CA SER B 32 -31.76 17.68 19.76
C SER B 32 -31.33 17.78 21.23
N ALA B 33 -31.63 16.74 21.99
CA ALA B 33 -31.23 16.63 23.39
C ALA B 33 -30.06 15.66 23.58
N GLY B 34 -30.32 14.38 23.32
CA GLY B 34 -29.34 13.33 23.57
C GLY B 34 -28.07 13.60 22.82
N PRO B 35 -27.09 12.71 22.96
CA PRO B 35 -25.90 12.79 22.12
C PRO B 35 -26.24 12.54 20.65
N VAL B 36 -25.38 13.03 19.75
CA VAL B 36 -25.64 13.00 18.33
C VAL B 36 -24.50 12.42 17.50
N GLY B 37 -24.75 12.25 16.21
CA GLY B 37 -23.71 11.84 15.29
C GLY B 37 -24.29 11.28 14.01
N TYR B 38 -23.52 11.36 12.94
CA TYR B 38 -23.90 10.70 11.69
C TYR B 38 -24.04 9.19 11.88
N SER B 39 -23.18 8.65 12.74
CA SER B 39 -23.18 7.23 13.08
C SER B 39 -22.76 7.07 14.55
N LEU B 40 -22.81 5.83 15.05
CA LEU B 40 -22.22 5.49 16.35
C LEU B 40 -20.72 5.73 16.29
N PRO B 41 -20.09 6.00 17.44
CA PRO B 41 -20.71 6.34 18.73
C PRO B 41 -21.27 7.74 18.73
N LEU B 42 -22.40 7.93 19.41
CA LEU B 42 -23.00 9.25 19.58
C LEU B 42 -22.16 10.00 20.59
N SER B 43 -22.13 11.31 20.46
CA SER B 43 -21.38 12.15 21.39
C SER B 43 -22.00 13.53 21.46
N PRO B 44 -21.68 14.27 22.51
CA PRO B 44 -22.29 15.59 22.63
C PRO B 44 -22.08 16.53 21.41
N THR B 45 -20.89 16.54 20.79
CA THR B 45 -20.62 17.39 19.63
C THR B 45 -20.85 16.70 18.28
N GLY B 46 -20.95 15.39 18.28
CA GLY B 46 -21.02 14.64 17.03
C GLY B 46 -19.67 14.26 16.45
N GLU B 47 -18.59 14.65 17.14
CA GLU B 47 -17.26 14.49 16.57
C GLU B 47 -16.79 13.03 16.66
N SER B 48 -17.36 12.27 17.59
CA SER B 48 -16.90 10.90 17.85
C SER B 48 -17.33 9.86 16.80
N ALA B 49 -18.31 10.19 15.98
CA ALA B 49 -18.89 9.23 15.04
C ALA B 49 -17.82 8.56 14.20
N MET B 50 -17.97 7.25 14.04
CA MET B 50 -17.01 6.46 13.24
C MET B 50 -17.00 6.92 11.79
N LEU B 51 -18.17 7.27 11.28
CA LEU B 51 -18.35 7.63 9.88
C LEU B 51 -18.67 9.11 9.74
N THR B 52 -18.26 9.68 8.60
CA THR B 52 -18.61 11.05 8.24
C THR B 52 -19.72 11.01 7.22
N PRO B 53 -20.55 12.07 7.18
CA PRO B 53 -21.55 12.13 6.12
C PRO B 53 -20.93 12.19 4.74
N PRO B 54 -21.62 11.62 3.74
CA PRO B 54 -21.15 11.81 2.37
C PRO B 54 -21.35 13.28 1.96
N PRO B 55 -20.76 13.71 0.84
CA PRO B 55 -20.02 12.90 -0.14
C PRO B 55 -18.63 12.49 0.29
N TRP B 56 -18.19 11.38 -0.31
CA TRP B 56 -16.83 10.92 -0.13
C TRP B 56 -16.16 10.81 -1.49
N HIS B 57 -14.91 11.24 -1.55
CA HIS B 57 -14.12 11.11 -2.78
C HIS B 57 -13.21 9.91 -2.73
N PHE B 58 -13.05 9.24 -3.87
CA PHE B 58 -12.19 8.06 -3.98
C PHE B 58 -11.22 8.22 -5.14
N SER B 59 -9.98 7.83 -4.91
CA SER B 59 -8.96 7.75 -5.94
C SER B 59 -8.21 6.43 -5.78
N GLY B 60 -8.24 5.61 -6.82
CA GLY B 60 -7.70 4.27 -6.67
C GLY B 60 -6.96 3.73 -7.88
N GLU B 61 -6.32 2.57 -7.65
CA GLU B 61 -5.62 1.80 -8.66
C GLU B 61 -6.24 0.40 -8.69
N VAL B 62 -6.57 -0.07 -9.89
CA VAL B 62 -7.40 -1.26 -10.08
C VAL B 62 -6.67 -2.28 -10.93
N VAL B 63 -6.81 -3.55 -10.53
CA VAL B 63 -6.42 -4.70 -11.32
C VAL B 63 -7.63 -5.61 -11.42
N MET B 64 -8.17 -5.77 -12.62
CA MET B 64 -9.50 -6.35 -12.84
C MET B 64 -9.43 -7.43 -13.88
N VAL B 65 -10.19 -8.52 -13.69
CA VAL B 65 -10.26 -9.54 -14.73
C VAL B 65 -11.71 -9.82 -15.09
N ASP B 66 -12.02 -9.74 -16.38
CA ASP B 66 -13.34 -10.09 -16.89
C ASP B 66 -13.43 -11.61 -17.00
N TYR B 67 -14.58 -12.18 -16.64
CA TYR B 67 -14.75 -13.63 -16.75
C TYR B 67 -16.19 -14.05 -17.01
N ARG B 68 -16.33 -15.33 -17.33
CA ARG B 68 -17.61 -15.90 -17.71
C ARG B 68 -18.10 -16.71 -16.54
N VAL B 69 -19.29 -16.36 -16.07
CA VAL B 69 -19.92 -17.05 -14.94
C VAL B 69 -21.12 -17.86 -15.43
N ASP B 70 -21.48 -18.90 -14.67
CA ASP B 70 -22.73 -19.65 -14.90
C ASP B 70 -23.90 -18.66 -14.75
N PRO B 71 -24.64 -18.39 -15.84
CA PRO B 71 -25.67 -17.35 -15.75
C PRO B 71 -26.81 -17.72 -14.81
N ASP B 72 -27.08 -19.01 -14.70
CA ASP B 72 -28.16 -19.44 -13.83
C ASP B 72 -27.75 -19.28 -12.37
N ALA B 73 -26.46 -19.48 -12.09
CA ALA B 73 -25.92 -19.26 -10.75
C ALA B 73 -25.98 -17.79 -10.40
N ALA B 74 -25.54 -16.95 -11.33
CA ALA B 74 -25.57 -15.50 -11.13
C ALA B 74 -26.98 -14.99 -10.86
N ARG B 75 -27.94 -15.50 -11.60
CA ARG B 75 -29.33 -15.11 -11.44
C ARG B 75 -29.85 -15.23 -10.01
N ARG B 76 -29.38 -16.25 -9.29
CA ARG B 76 -29.89 -16.50 -7.95
C ARG B 76 -29.41 -15.46 -6.93
N PHE B 77 -28.40 -14.67 -7.31
CA PHE B 77 -27.91 -13.60 -6.45
C PHE B 77 -28.60 -12.27 -6.78
N LEU B 78 -29.44 -12.25 -7.80
CA LEU B 78 -30.16 -11.03 -8.15
C LEU B 78 -31.50 -10.97 -7.43
N PRO B 79 -31.68 -9.97 -6.57
CA PRO B 79 -32.97 -9.80 -5.87
C PRO B 79 -34.07 -9.37 -6.83
N PRO B 80 -35.34 -9.50 -6.42
CA PRO B 80 -36.43 -9.05 -7.28
C PRO B 80 -36.21 -7.62 -7.74
N GLY B 81 -36.51 -7.33 -8.99
CA GLY B 81 -36.33 -5.99 -9.52
C GLY B 81 -35.11 -5.87 -10.41
N LEU B 82 -34.11 -6.70 -10.15
CA LEU B 82 -32.91 -6.78 -10.98
C LEU B 82 -33.04 -7.97 -11.91
N GLU B 83 -32.89 -7.72 -13.20
CA GLU B 83 -32.95 -8.76 -14.22
C GLU B 83 -31.54 -9.14 -14.69
N PRO B 84 -31.42 -10.31 -15.34
CA PRO B 84 -30.13 -10.72 -15.90
C PRO B 84 -29.59 -9.70 -16.87
N GLY B 85 -28.26 -9.62 -16.94
CA GLY B 85 -27.61 -8.64 -17.78
C GLY B 85 -27.89 -8.98 -19.22
N ALA B 86 -27.67 -8.00 -20.09
CA ALA B 86 -27.80 -8.18 -21.54
C ALA B 86 -26.91 -9.32 -22.00
N ASP B 87 -25.78 -9.48 -21.32
CA ASP B 87 -24.95 -10.67 -21.45
C ASP B 87 -24.93 -11.30 -20.08
N PRO B 88 -25.81 -12.27 -19.86
CA PRO B 88 -26.07 -12.76 -18.49
C PRO B 88 -24.86 -13.40 -17.84
N GLY B 89 -23.92 -13.89 -18.64
CA GLY B 89 -22.74 -14.57 -18.12
C GLY B 89 -21.52 -13.68 -17.88
N ALA B 90 -21.66 -12.39 -18.15
CA ALA B 90 -20.55 -11.45 -17.92
C ALA B 90 -20.37 -11.13 -16.43
N ALA B 91 -19.16 -11.36 -15.95
CA ALA B 91 -18.77 -11.09 -14.58
C ALA B 91 -17.37 -10.46 -14.54
N ALA B 92 -16.96 -10.03 -13.35
CA ALA B 92 -15.61 -9.50 -13.17
C ALA B 92 -15.14 -9.73 -11.75
N ALA B 93 -13.84 -9.91 -11.63
CA ALA B 93 -13.14 -9.93 -10.36
C ALA B 93 -12.28 -8.68 -10.28
N VAL B 94 -12.45 -7.88 -9.22
CA VAL B 94 -11.85 -6.56 -9.16
C VAL B 94 -11.05 -6.34 -7.88
N PHE B 95 -9.73 -6.20 -8.04
CA PHE B 95 -8.86 -5.79 -6.95
C PHE B 95 -8.61 -4.29 -7.05
N ALA B 96 -8.67 -3.58 -5.92
CA ALA B 96 -8.34 -2.16 -5.94
C ALA B 96 -7.70 -1.73 -4.66
N THR B 97 -6.86 -0.70 -4.77
CA THR B 97 -6.35 0.00 -3.58
C THR B 97 -6.80 1.43 -3.70
N TRP B 98 -7.34 1.96 -2.61
CA TRP B 98 -7.97 3.28 -2.61
C TRP B 98 -7.36 4.22 -1.60
N GLN B 99 -7.42 5.50 -1.93
CA GLN B 99 -7.42 6.57 -0.95
C GLN B 99 -8.81 7.19 -1.00
N TRP B 100 -9.33 7.61 0.14
CA TRP B 100 -10.64 8.27 0.18
C TRP B 100 -10.55 9.46 1.13
N CYS B 101 -11.47 10.40 0.97
CA CYS B 101 -11.64 11.46 1.95
C CYS B 101 -13.04 12.07 1.88
N SER B 102 -13.39 12.80 2.94
CA SER B 102 -14.62 13.57 2.98
C SER B 102 -14.41 14.89 2.21
N GLN B 103 -15.44 15.73 2.11
CA GLN B 103 -15.34 16.93 1.29
C GLN B 103 -14.19 17.81 1.74
N ASP B 104 -13.97 17.90 3.05
CA ASP B 104 -12.92 18.79 3.57
C ASP B 104 -11.50 18.24 3.38
N GLY B 105 -11.37 17.00 2.91
CA GLY B 105 -10.06 16.46 2.63
C GLY B 105 -9.25 16.10 3.87
N ALA B 106 -9.88 16.15 5.05
CA ALA B 106 -9.12 16.05 6.30
C ALA B 106 -8.39 14.71 6.47
N GLU B 107 -8.98 13.63 5.96
CA GLU B 107 -8.43 12.30 6.15
C GLU B 107 -7.11 12.09 5.41
N LEU B 108 -6.85 12.92 4.41
CA LEU B 108 -5.71 12.67 3.52
C LEU B 108 -4.38 12.86 4.22
N THR B 109 -4.37 13.62 5.33
CA THR B 109 -3.11 13.88 6.01
C THR B 109 -2.68 12.77 6.95
N ASP B 110 -3.55 11.75 7.10
CA ASP B 110 -3.26 10.58 7.89
C ASP B 110 -3.40 9.37 6.98
N PRO B 111 -2.30 8.99 6.33
CA PRO B 111 -2.43 7.91 5.34
C PRO B 111 -2.98 6.62 5.92
N GLY B 112 -2.72 6.36 7.19
CA GLY B 112 -3.27 5.15 7.80
C GLY B 112 -4.80 5.18 7.90
N ARG B 113 -5.37 6.38 7.90
CA ARG B 113 -6.80 6.50 8.07
C ARG B 113 -7.52 6.51 6.74
N CYS B 114 -6.84 6.91 5.66
CA CYS B 114 -7.53 7.19 4.39
C CYS B 114 -7.29 6.17 3.30
N GLN B 115 -6.61 5.07 3.62
CA GLN B 115 -6.28 4.06 2.63
C GLN B 115 -6.94 2.72 2.97
N PHE B 116 -7.34 1.99 1.95
CA PHE B 116 -7.73 0.59 2.13
C PHE B 116 -7.62 -0.19 0.85
N GLY B 117 -7.53 -1.52 1.01
CA GLY B 117 -7.58 -2.44 -0.11
C GLY B 117 -8.92 -3.15 -0.18
N GLU B 118 -9.26 -3.62 -1.39
CA GLU B 118 -10.59 -4.15 -1.65
C GLU B 118 -10.55 -5.22 -2.73
N PHE B 119 -11.40 -6.23 -2.58
CA PHE B 119 -11.69 -7.16 -3.65
C PHE B 119 -13.20 -7.30 -3.80
N LEU B 120 -13.69 -7.20 -5.05
CA LEU B 120 -15.13 -7.30 -5.33
C LEU B 120 -15.39 -8.34 -6.43
N ILE B 121 -16.53 -9.03 -6.35
CA ILE B 121 -17.11 -9.68 -7.53
C ILE B 121 -18.22 -8.80 -8.11
N LEU B 122 -18.24 -8.68 -9.43
CA LEU B 122 -19.32 -7.96 -10.11
C LEU B 122 -20.04 -8.86 -11.10
N LEU B 123 -21.37 -8.78 -11.07
CA LEU B 123 -22.25 -9.48 -12.01
C LEU B 123 -23.05 -8.50 -12.85
N SER B 124 -23.20 -8.79 -14.13
CA SER B 124 -24.00 -7.94 -15.01
C SER B 124 -25.49 -8.12 -14.73
N CYS B 125 -26.25 -7.02 -14.68
CA CYS B 125 -27.68 -7.10 -14.52
C CYS B 125 -28.30 -5.87 -15.16
N GLU B 126 -29.63 -5.76 -15.08
CA GLU B 126 -30.32 -4.57 -15.56
C GLU B 126 -31.46 -4.19 -14.64
N PHE B 127 -31.70 -2.87 -14.54
CA PHE B 127 -32.87 -2.35 -13.85
C PHE B 127 -33.68 -1.54 -14.82
N GLU B 128 -34.89 -1.99 -15.06
CA GLU B 128 -35.78 -1.32 -16.01
C GLU B 128 -35.06 -1.00 -17.31
N GLY B 129 -34.34 -1.99 -17.85
CA GLY B 129 -33.69 -1.87 -19.14
C GLY B 129 -32.30 -1.23 -19.13
N ARG B 130 -31.88 -0.76 -17.98
CA ARG B 130 -30.62 -0.01 -17.92
C ARG B 130 -29.52 -0.89 -17.34
N PRO B 131 -28.37 -0.97 -18.02
CA PRO B 131 -27.28 -1.82 -17.54
C PRO B 131 -26.77 -1.37 -16.18
N MET B 132 -26.57 -2.32 -15.27
CA MET B 132 -26.00 -2.04 -13.95
C MET B 132 -25.12 -3.21 -13.57
N ALA B 133 -24.49 -3.12 -12.41
CA ALA B 133 -23.75 -4.24 -11.89
C ALA B 133 -24.23 -4.56 -10.49
N ARG B 134 -24.26 -5.86 -10.18
CA ARG B 134 -24.54 -6.34 -8.84
C ARG B 134 -23.24 -6.84 -8.22
N CYS B 135 -22.97 -6.41 -7.00
CA CYS B 135 -21.83 -6.89 -6.25
C CYS B 135 -22.32 -7.85 -5.16
N PRO B 136 -22.19 -9.16 -5.41
CA PRO B 136 -22.71 -10.13 -4.44
C PRO B 136 -21.74 -10.34 -3.28
N TYR B 137 -20.46 -10.07 -3.51
CA TYR B 137 -19.41 -10.31 -2.51
C TYR B 137 -18.36 -9.19 -2.60
N ALA B 138 -17.87 -8.75 -1.45
CA ALA B 138 -16.78 -7.78 -1.36
C ALA B 138 -16.03 -7.98 -0.07
N TRP B 139 -14.73 -7.70 -0.11
CA TRP B 139 -13.91 -7.70 1.10
C TRP B 139 -13.05 -6.44 1.10
N VAL B 140 -12.79 -5.92 2.30
CA VAL B 140 -11.85 -4.84 2.52
C VAL B 140 -10.99 -5.16 3.73
N ASP B 141 -9.94 -4.36 3.93
CA ASP B 141 -8.98 -4.62 4.99
C ASP B 141 -8.91 -3.51 6.05
N GLN B 142 -9.94 -2.65 6.07
CA GLN B 142 -10.06 -1.63 7.08
C GLN B 142 -11.52 -1.52 7.54
N ALA B 143 -11.70 -1.16 8.81
CA ALA B 143 -13.02 -1.19 9.44
C ALA B 143 -13.96 -0.07 8.98
N VAL B 144 -13.46 1.15 8.83
CA VAL B 144 -14.33 2.24 8.39
C VAL B 144 -14.95 1.96 7.01
N PRO B 145 -14.12 1.58 6.04
CA PRO B 145 -14.70 1.24 4.74
C PRO B 145 -15.69 0.07 4.81
N MET B 146 -15.42 -0.91 5.66
CA MET B 146 -16.33 -2.03 5.83
C MET B 146 -17.71 -1.57 6.30
N MET B 147 -17.74 -0.78 7.38
CA MET B 147 -19.02 -0.33 7.89
C MET B 147 -19.71 0.60 6.89
N ARG B 148 -18.92 1.47 6.23
CA ARG B 148 -19.50 2.41 5.26
C ARG B 148 -20.13 1.63 4.10
N GLY B 149 -19.52 0.50 3.75
CA GLY B 149 -20.10 -0.39 2.77
C GLY B 149 -21.50 -0.83 3.15
N TRP B 150 -21.67 -1.28 4.40
CA TRP B 150 -23.00 -1.74 4.83
C TRP B 150 -24.04 -0.59 4.78
N VAL B 151 -23.60 0.62 5.03
CA VAL B 151 -24.49 1.78 4.95
C VAL B 151 -25.08 1.90 3.54
N GLN B 152 -24.26 1.58 2.54
CA GLN B 152 -24.64 1.69 1.11
C GLN B 152 -25.28 0.42 0.59
N GLY B 153 -25.28 -0.63 1.40
CA GLY B 153 -25.71 -1.95 0.91
C GLY B 153 -24.64 -2.80 0.22
N MET B 154 -23.38 -2.36 0.16
CA MET B 154 -22.32 -3.16 -0.44
C MET B 154 -21.90 -4.14 0.64
N PRO B 155 -21.91 -5.44 0.32
CA PRO B 155 -21.78 -6.46 1.37
C PRO B 155 -20.35 -6.78 1.77
N LYS B 156 -19.66 -5.79 2.30
CA LYS B 156 -18.25 -5.91 2.62
C LYS B 156 -18.00 -6.73 3.90
N GLN B 157 -17.10 -7.69 3.76
CA GLN B 157 -16.52 -8.40 4.88
C GLN B 157 -15.03 -8.08 5.00
N PHE B 158 -14.34 -8.63 6.01
CA PHE B 158 -12.95 -8.31 6.23
C PHE B 158 -12.08 -9.40 5.62
N GLY B 159 -10.98 -9.01 4.99
CA GLY B 159 -10.04 -9.97 4.46
C GLY B 159 -8.63 -9.39 4.34
N VAL B 160 -7.71 -10.22 3.87
CA VAL B 160 -6.34 -9.82 3.58
C VAL B 160 -6.16 -9.78 2.07
N ILE B 161 -5.76 -8.61 1.58
CA ILE B 161 -5.88 -8.31 0.16
C ILE B 161 -4.56 -7.70 -0.33
N HIS B 162 -3.98 -8.33 -1.33
CA HIS B 162 -2.68 -7.93 -1.84
C HIS B 162 -2.78 -7.63 -3.33
N GLN B 163 -2.00 -6.66 -3.81
CA GLN B 163 -2.10 -6.25 -5.19
C GLN B 163 -0.79 -5.65 -5.66
N SER B 164 -0.32 -6.04 -6.84
CA SER B 164 0.92 -5.51 -7.39
C SER B 164 0.76 -4.03 -7.71
N ARG B 165 1.84 -3.28 -7.57
CA ARG B 165 1.83 -1.91 -8.05
C ARG B 165 2.90 -1.69 -9.12
N PRO B 166 2.56 -0.90 -10.14
CA PRO B 166 3.52 -0.55 -11.20
C PRO B 166 4.73 0.13 -10.62
N VAL B 167 5.89 -0.11 -11.22
CA VAL B 167 7.10 0.62 -10.85
C VAL B 167 7.55 1.45 -12.05
N THR B 168 8.38 2.46 -11.80
CA THR B 168 8.94 3.26 -12.89
C THR B 168 10.46 3.30 -12.90
N VAL B 169 11.08 2.73 -11.89
CA VAL B 169 12.53 2.68 -11.82
C VAL B 169 12.90 1.31 -11.26
N GLY B 170 14.08 0.84 -11.60
CA GLY B 170 14.56 -0.44 -11.10
C GLY B 170 13.95 -1.62 -11.82
N LYS B 171 14.12 -2.80 -11.24
CA LYS B 171 13.77 -4.06 -11.86
C LYS B 171 12.74 -4.84 -11.07
N ALA B 172 12.43 -4.41 -9.84
CA ALA B 172 11.58 -5.22 -8.95
C ALA B 172 10.10 -4.93 -9.15
N GLY B 173 9.64 -5.23 -10.37
CA GLY B 173 8.26 -5.05 -10.72
C GLY B 173 8.08 -4.85 -12.21
N SER B 174 6.85 -4.50 -12.55
CA SER B 174 6.44 -4.27 -13.93
C SER B 174 6.05 -2.82 -14.19
N ARG B 175 6.30 -2.38 -15.42
CA ARG B 175 5.89 -1.06 -15.89
C ARG B 175 4.50 -1.14 -16.49
N LEU B 176 3.80 -0.01 -16.54
CA LEU B 176 2.57 0.10 -17.33
C LEU B 176 2.98 0.22 -18.77
N ALA B 177 3.22 -0.94 -19.37
CA ALA B 177 3.71 -1.03 -20.73
C ALA B 177 3.48 -2.45 -21.20
N PRO B 178 3.54 -2.69 -22.53
CA PRO B 178 3.32 -4.06 -22.98
C PRO B 178 4.26 -5.05 -22.29
N GLY B 179 3.68 -6.16 -21.83
CA GLY B 179 4.42 -7.19 -21.15
C GLY B 179 4.37 -7.08 -19.65
N GLY B 180 3.88 -5.96 -19.16
CA GLY B 180 3.79 -5.76 -17.71
C GLY B 180 2.77 -6.70 -17.08
N ARG B 181 3.17 -7.38 -16.00
CA ARG B 181 2.31 -8.32 -15.29
C ARG B 181 1.95 -7.78 -13.91
N PHE B 182 0.70 -7.98 -13.53
CA PHE B 182 0.15 -7.48 -12.26
C PHE B 182 -0.73 -8.55 -11.63
N ASP B 183 -0.56 -8.78 -10.33
CA ASP B 183 -1.26 -9.86 -9.62
C ASP B 183 -2.08 -9.33 -8.45
N GLY B 184 -3.13 -10.08 -8.10
CA GLY B 184 -3.96 -9.82 -6.94
C GLY B 184 -4.22 -11.09 -6.15
N ALA B 185 -4.33 -10.99 -4.83
CA ALA B 185 -4.69 -12.17 -4.02
C ALA B 185 -5.57 -11.78 -2.86
N LEU B 186 -6.52 -12.66 -2.53
CA LEU B 186 -7.40 -12.50 -1.36
C LEU B 186 -7.32 -13.73 -0.49
N SER B 187 -7.08 -13.53 0.80
CA SER B 187 -7.23 -14.57 1.80
C SER B 187 -8.26 -14.13 2.82
N VAL B 188 -9.03 -15.09 3.32
CA VAL B 188 -10.02 -14.83 4.35
C VAL B 188 -9.89 -15.88 5.45
N HIS B 189 -9.83 -15.44 6.69
CA HIS B 189 -9.62 -16.35 7.82
C HIS B 189 -8.47 -17.32 7.58
N GLY B 190 -7.40 -16.81 7.01
CA GLY B 190 -6.18 -17.57 6.88
C GLY B 190 -6.14 -18.58 5.75
N ARG B 191 -7.11 -18.51 4.84
CA ARG B 191 -7.19 -19.40 3.69
C ARG B 191 -7.25 -18.58 2.42
N ARG B 192 -6.54 -19.05 1.39
CA ARG B 192 -6.47 -18.34 0.14
C ARG B 192 -7.79 -18.61 -0.60
N VAL B 193 -8.42 -17.55 -1.08
CA VAL B 193 -9.77 -17.58 -1.70
C VAL B 193 -9.73 -17.26 -3.21
N VAL B 194 -8.97 -16.24 -3.60
CA VAL B 194 -8.92 -15.81 -5.01
C VAL B 194 -7.51 -15.35 -5.36
N GLU B 195 -7.08 -15.71 -6.56
CA GLU B 195 -5.84 -15.19 -7.12
C GLU B 195 -6.13 -14.75 -8.54
N ALA B 196 -5.66 -13.55 -8.91
CA ALA B 196 -5.82 -13.05 -10.28
C ALA B 196 -4.51 -12.52 -10.84
N SER B 197 -4.39 -12.55 -12.16
CA SER B 197 -3.21 -12.02 -12.82
C SER B 197 -3.58 -11.37 -14.14
N VAL B 198 -2.87 -10.30 -14.50
CA VAL B 198 -3.03 -9.67 -15.81
C VAL B 198 -1.66 -9.42 -16.41
N THR B 199 -1.50 -9.80 -17.69
CA THR B 199 -0.33 -9.35 -18.45
C THR B 199 -0.78 -8.44 -19.58
N VAL B 200 -0.48 -7.15 -19.45
CA VAL B 200 -1.01 -6.16 -20.37
C VAL B 200 -0.25 -6.12 -21.69
N ASP B 201 -0.94 -5.82 -22.78
CA ASP B 201 -0.24 -5.73 -24.06
C ASP B 201 -0.57 -4.45 -24.84
N ARG B 202 -1.53 -3.66 -24.38
CA ARG B 202 -1.87 -2.43 -25.10
C ARG B 202 -2.71 -1.52 -24.25
N SER B 203 -2.71 -0.23 -24.63
CA SER B 203 -3.49 0.79 -23.94
C SER B 203 -4.74 1.18 -24.76
N THR B 204 -5.86 1.40 -24.09
CA THR B 204 -7.10 1.86 -24.74
C THR B 204 -7.78 2.96 -23.93
N ASP B 205 -8.80 3.57 -24.52
CA ASP B 205 -9.59 4.58 -23.80
C ASP B 205 -11.00 4.06 -23.57
N GLN B 206 -11.13 2.73 -23.47
CA GLN B 206 -12.43 2.08 -23.32
C GLN B 206 -12.54 1.47 -21.92
N PRO B 207 -13.28 2.12 -21.02
CA PRO B 207 -13.37 1.59 -19.65
C PRO B 207 -14.05 0.23 -19.64
N PRO B 208 -13.58 -0.72 -18.81
CA PRO B 208 -14.25 -2.02 -18.71
C PRO B 208 -15.71 -1.85 -18.31
N ALA B 209 -16.60 -2.54 -19.03
CA ALA B 209 -18.04 -2.31 -18.93
C ALA B 209 -18.57 -2.37 -17.50
N LEU B 210 -18.18 -3.40 -16.75
CA LEU B 210 -18.74 -3.57 -15.41
C LEU B 210 -18.24 -2.55 -14.42
N HIS B 211 -17.15 -1.83 -14.75
CA HIS B 211 -16.64 -0.76 -13.88
C HIS B 211 -17.17 0.61 -14.32
N ASP B 212 -18.09 0.64 -15.28
CA ASP B 212 -18.60 1.89 -15.84
C ASP B 212 -20.13 1.96 -15.91
N VAL B 213 -20.76 1.28 -14.95
CA VAL B 213 -22.21 1.26 -14.80
C VAL B 213 -22.57 1.40 -13.31
N PRO B 214 -23.81 1.82 -13.02
CA PRO B 214 -24.22 1.96 -11.61
C PRO B 214 -24.24 0.63 -10.88
N LEU B 215 -23.94 0.66 -9.59
CA LEU B 215 -24.03 -0.52 -8.75
C LEU B 215 -25.38 -0.52 -8.04
N ALA B 216 -26.04 -1.66 -8.07
CA ALA B 216 -27.36 -1.83 -7.47
C ALA B 216 -27.25 -2.74 -6.25
N HIS B 217 -27.40 -2.15 -5.07
CA HIS B 217 -27.21 -2.86 -3.82
C HIS B 217 -28.53 -3.08 -3.10
N THR B 218 -28.52 -3.99 -2.13
CA THR B 218 -29.66 -4.20 -1.25
C THR B 218 -29.36 -3.64 0.14
N LEU B 219 -30.09 -2.62 0.57
CA LEU B 219 -29.95 -2.07 1.92
C LEU B 219 -30.73 -2.91 2.88
N VAL B 220 -30.03 -3.59 3.77
CA VAL B 220 -30.75 -4.30 4.82
C VAL B 220 -29.81 -4.50 6.00
N PHE B 221 -30.38 -4.43 7.19
CA PHE B 221 -29.59 -4.53 8.42
C PHE B 221 -30.39 -5.43 9.35
N PRO B 222 -29.70 -6.30 10.11
CA PRO B 222 -30.49 -7.26 10.90
C PRO B 222 -31.38 -6.59 11.92
N GLU B 223 -32.53 -7.20 12.22
CA GLU B 223 -33.45 -6.67 13.21
C GLU B 223 -33.10 -7.25 14.58
N TRP B 224 -32.85 -6.35 15.52
CA TRP B 224 -32.47 -6.74 16.87
C TRP B 224 -33.68 -6.90 17.78
N VAL B 225 -34.67 -6.02 17.61
CA VAL B 225 -35.91 -6.14 18.40
C VAL B 225 -36.96 -6.84 17.53
N PRO B 226 -37.35 -8.06 17.93
CA PRO B 226 -38.20 -8.91 17.08
C PRO B 226 -39.61 -8.34 16.85
N PRO B 231 -37.21 -7.35 8.82
CA PRO B 231 -36.39 -6.46 7.99
C PRO B 231 -37.13 -6.00 6.74
N ARG B 232 -36.88 -4.76 6.32
CA ARG B 232 -37.47 -4.25 5.08
C ARG B 232 -36.33 -3.88 4.12
N PRO B 233 -35.95 -4.81 3.25
CA PRO B 233 -34.91 -4.48 2.28
C PRO B 233 -35.37 -3.44 1.25
N ARG B 234 -34.41 -2.66 0.75
CA ARG B 234 -34.65 -1.72 -0.34
C ARG B 234 -33.56 -1.92 -1.38
N LEU B 235 -33.95 -1.89 -2.64
CA LEU B 235 -33.01 -1.93 -3.75
C LEU B 235 -32.58 -0.49 -4.06
N VAL B 236 -31.29 -0.22 -3.96
CA VAL B 236 -30.77 1.12 -4.16
C VAL B 236 -29.60 1.15 -5.15
N ALA B 237 -29.44 2.29 -5.82
CA ALA B 237 -28.27 2.54 -6.65
C ALA B 237 -27.41 3.55 -5.95
N SER B 238 -26.11 3.35 -6.02
CA SER B 238 -25.18 4.33 -5.51
C SER B 238 -25.07 5.45 -6.54
N GLU B 239 -25.36 6.67 -6.09
CA GLU B 239 -25.21 7.88 -6.91
C GLU B 239 -23.79 8.43 -6.89
N VAL B 240 -23.18 8.52 -8.06
CA VAL B 240 -21.80 9.01 -8.18
C VAL B 240 -21.69 10.14 -9.18
N SER B 241 -20.63 10.93 -9.03
CA SER B 241 -20.28 11.97 -10.00
C SER B 241 -18.77 12.00 -10.24
N ASP B 242 -18.37 12.73 -11.28
CA ASP B 242 -16.97 12.98 -11.56
C ASP B 242 -16.20 11.66 -11.70
N VAL B 243 -16.81 10.71 -12.38
CA VAL B 243 -16.18 9.43 -12.67
C VAL B 243 -15.04 9.69 -13.66
N GLU B 244 -13.86 9.18 -13.33
CA GLU B 244 -12.68 9.41 -14.16
C GLU B 244 -11.82 8.14 -14.26
N PHE B 245 -11.43 7.79 -15.49
CA PHE B 245 -10.51 6.68 -15.73
C PHE B 245 -9.20 7.21 -16.34
N SER B 246 -8.08 6.59 -15.97
CA SER B 246 -6.84 6.77 -16.72
C SER B 246 -6.95 5.98 -18.01
N PRO B 247 -5.91 6.05 -18.85
CA PRO B 247 -5.84 5.10 -19.95
C PRO B 247 -5.88 3.68 -19.42
N ILE B 248 -6.54 2.79 -20.15
CA ILE B 248 -6.73 1.42 -19.67
C ILE B 248 -5.68 0.51 -20.30
N TRP B 249 -4.90 -0.16 -19.47
CA TRP B 249 -3.96 -1.15 -20.00
C TRP B 249 -4.61 -2.54 -19.96
N THR B 250 -4.70 -3.19 -21.13
CA THR B 250 -5.47 -4.43 -21.26
C THR B 250 -4.62 -5.54 -21.84
N GLY B 251 -4.91 -6.77 -21.43
CA GLY B 251 -4.20 -7.94 -21.92
C GLY B 251 -4.89 -9.21 -21.45
N SER B 252 -4.12 -10.27 -21.32
CA SER B 252 -4.67 -11.57 -20.93
C SER B 252 -5.06 -11.50 -19.47
N GLY B 253 -6.07 -12.25 -19.08
CA GLY B 253 -6.40 -12.36 -17.67
C GLY B 253 -6.33 -13.80 -17.22
N ASP B 254 -6.06 -13.98 -15.94
CA ASP B 254 -6.14 -15.29 -15.31
C ASP B 254 -6.80 -15.10 -13.96
N LEU B 255 -7.57 -16.11 -13.55
CA LEU B 255 -8.35 -15.99 -12.32
C LEU B 255 -8.61 -17.39 -11.80
N THR B 256 -8.32 -17.60 -10.51
CA THR B 256 -8.56 -18.89 -9.86
C THR B 256 -9.28 -18.69 -8.55
N PHE B 257 -10.39 -19.42 -8.36
CA PHE B 257 -11.04 -19.45 -7.05
C PHE B 257 -10.58 -20.69 -6.29
N PHE B 258 -10.43 -20.59 -4.96
CA PHE B 258 -10.08 -21.72 -4.12
C PHE B 258 -11.18 -21.95 -3.07
N ASP B 259 -11.25 -23.15 -2.50
CA ASP B 259 -12.25 -23.44 -1.48
C ASP B 259 -11.95 -22.61 -0.24
N GLY B 260 -12.92 -22.50 0.66
CA GLY B 260 -12.71 -21.71 1.86
C GLY B 260 -13.65 -20.55 2.05
N LEU B 261 -14.65 -20.41 1.19
CA LEU B 261 -15.77 -19.48 1.40
C LEU B 261 -17.17 -20.09 1.26
N GLY B 262 -17.25 -21.38 1.03
CA GLY B 262 -18.54 -22.05 0.97
C GLY B 262 -19.08 -22.21 -0.44
N ASP B 263 -20.08 -23.07 -0.58
CA ASP B 263 -20.55 -23.48 -1.89
C ASP B 263 -21.36 -22.38 -2.58
N ASP B 264 -21.99 -21.50 -1.81
CA ASP B 264 -22.75 -20.41 -2.44
C ASP B 264 -21.79 -19.53 -3.26
N PHE B 265 -20.68 -19.15 -2.65
CA PHE B 265 -19.66 -18.37 -3.34
C PHE B 265 -19.04 -19.15 -4.50
N GLY B 266 -18.81 -20.45 -4.29
CA GLY B 266 -18.15 -21.27 -5.30
C GLY B 266 -18.92 -21.39 -6.60
N ALA B 267 -20.23 -21.19 -6.50
CA ALA B 267 -21.11 -21.27 -7.69
C ALA B 267 -20.76 -20.19 -8.70
N LEU B 268 -20.07 -19.14 -8.24
CA LEU B 268 -19.71 -18.00 -9.11
C LEU B 268 -18.31 -18.10 -9.67
N ALA B 269 -17.67 -19.26 -9.51
CA ALA B 269 -16.32 -19.44 -10.03
C ALA B 269 -16.33 -19.37 -11.54
N PRO B 270 -15.21 -18.94 -12.14
CA PRO B 270 -15.14 -18.81 -13.61
C PRO B 270 -15.27 -20.11 -14.39
N LEU B 271 -16.09 -20.04 -15.44
CA LEU B 271 -16.19 -21.09 -16.45
C LEU B 271 -15.07 -20.92 -17.46
N GLU B 272 -14.79 -19.66 -17.74
CA GLU B 272 -13.76 -19.26 -18.69
C GLU B 272 -13.29 -17.89 -18.22
N VAL B 273 -12.04 -17.54 -18.52
CA VAL B 273 -11.50 -16.26 -18.07
C VAL B 273 -11.08 -15.45 -19.27
N GLY B 274 -11.43 -14.17 -19.25
CA GLY B 274 -11.22 -13.29 -20.39
C GLY B 274 -10.08 -12.30 -20.19
N SER B 275 -10.29 -11.08 -20.63
CA SER B 275 -9.27 -10.03 -20.59
C SER B 275 -9.04 -9.47 -19.19
N GLY B 276 -7.81 -9.05 -18.94
CA GLY B 276 -7.50 -8.34 -17.71
C GLY B 276 -7.25 -6.87 -18.02
N HIS B 277 -7.38 -6.01 -17.01
CA HIS B 277 -7.28 -4.57 -17.17
C HIS B 277 -6.61 -3.95 -15.97
N VAL B 278 -5.72 -2.99 -16.21
CA VAL B 278 -5.02 -2.29 -15.14
C VAL B 278 -5.23 -0.80 -15.39
N PHE B 279 -5.75 -0.08 -14.40
CA PHE B 279 -6.01 1.33 -14.59
C PHE B 279 -6.22 2.05 -13.27
N SER B 280 -6.27 3.39 -13.36
CA SER B 280 -6.56 4.23 -12.20
C SER B 280 -8.00 4.76 -12.33
N TYR B 281 -8.67 4.97 -11.20
CA TYR B 281 -10.08 5.30 -11.19
C TYR B 281 -10.39 6.29 -10.08
N GLY B 282 -11.24 7.27 -10.39
CA GLY B 282 -11.79 8.12 -9.36
C GLY B 282 -13.29 8.35 -9.47
N GLU B 283 -13.91 8.65 -8.33
CA GLU B 283 -15.32 9.04 -8.33
C GLU B 283 -15.66 9.76 -7.03
N THR B 284 -16.78 10.46 -7.05
CA THR B 284 -17.36 11.00 -5.84
C THR B 284 -18.70 10.30 -5.58
N LEU B 285 -18.86 9.77 -4.37
CA LEU B 285 -20.04 9.01 -3.98
C LEU B 285 -20.91 9.90 -3.10
N HIS B 286 -22.17 10.11 -3.49
CA HIS B 286 -23.03 11.09 -2.82
C HIS B 286 -24.10 10.51 -1.90
N GLY B 287 -24.55 9.31 -2.19
CA GLY B 287 -25.71 8.78 -1.48
C GLY B 287 -26.45 7.77 -2.31
N GLY B 288 -27.60 7.33 -1.79
CA GLY B 288 -28.38 6.32 -2.47
C GLY B 288 -29.57 6.91 -3.21
N ARG B 289 -29.94 6.25 -4.30
CA ARG B 289 -31.17 6.55 -5.01
C ARG B 289 -32.02 5.28 -4.94
N LEU B 290 -33.26 5.42 -4.48
CA LEU B 290 -34.14 4.27 -4.37
C LEU B 290 -34.54 3.73 -5.73
N LEU B 291 -34.25 2.45 -5.98
CA LEU B 291 -34.77 1.77 -7.17
C LEU B 291 -36.11 1.08 -6.88
N SER B 292 -36.18 0.41 -5.73
CA SER B 292 -37.45 -0.16 -5.27
C SER B 292 -37.48 -0.41 -3.76
N ASP B 293 -38.56 -0.01 -3.11
CA ASP B 293 -38.77 -0.34 -1.70
C ASP B 293 -39.83 -1.45 -1.59
N TYR B 294 -40.17 -2.04 -2.73
CA TYR B 294 -41.10 -3.14 -2.77
C TYR B 294 -42.41 -2.78 -2.06
#